data_4COY
#
_entry.id   4COY
#
_cell.length_a   41.470
_cell.length_b   63.330
_cell.length_c   110.250
_cell.angle_alpha   90.00
_cell.angle_beta   90.00
_cell.angle_gamma   90.00
#
_symmetry.space_group_name_H-M   'P 21 21 21'
#
loop_
_entity.id
_entity.type
_entity.pdbx_description
1 polymer 'EPITHELIAL ADHESIN 6'
2 branched beta-D-galactopyranose-(1-4)-2-acetamido-2-deoxy-beta-D-glucopyranose
3 non-polymer 'CALCIUM ION'
4 non-polymer 'ACETATE ION'
5 water water
#
_entity_poly.entity_id   1
_entity_poly.type   'polypeptide(L)'
_entity_poly.pdbx_seq_one_letter_code
;LVPRGSHMKDDYSSSLSNNNLGWTDPTEFPLGCSPNVTTPKNGLSMELYSYDYLKSGSNPCWDAAYLDPNYPRTGYKSHR
LLAKVENVAGNINFYYHAPMGCTSLFDTLPQAYNYRTPLTMTNFTMLLYGYFKPKVTGYHTFTISADDLLFVNFGAGNAF
DCCKRESSADDFGNYQAYAVWGSQTAKDDLTVHLDAGLYYPIRIFFNNRDNDGALSLTLKTESDPNPVIDFSDYFYSFDD
TKDGCPGLVSYDTS
;
_entity_poly.pdbx_strand_id   A
#
# COMPACT_ATOMS: atom_id res chain seq x y z
N GLY A 22 9.68 14.88 13.34
CA GLY A 22 10.78 14.16 12.65
C GLY A 22 10.47 12.68 12.46
N TRP A 23 9.97 12.03 13.51
CA TRP A 23 9.87 10.55 13.57
C TRP A 23 9.08 9.91 12.40
N THR A 24 7.96 10.51 12.02
CA THR A 24 7.12 9.96 10.94
C THR A 24 7.34 10.63 9.58
N ASP A 25 8.25 11.58 9.48
CA ASP A 25 8.47 12.28 8.21
C ASP A 25 9.12 11.34 7.20
N PRO A 26 8.73 11.44 5.93
CA PRO A 26 9.35 10.55 4.95
C PRO A 26 10.79 11.00 4.64
N THR A 27 11.72 10.05 4.49
CA THR A 27 13.14 10.34 4.22
C THR A 27 13.73 9.45 3.12
N GLU A 28 14.87 9.90 2.59
CA GLU A 28 15.65 9.15 1.60
C GLU A 28 16.38 7.96 2.24
N PHE A 29 16.56 7.99 3.56
CA PHE A 29 17.20 6.89 4.28
C PHE A 29 16.25 6.36 5.33
N PRO A 30 15.18 5.69 4.88
CA PRO A 30 14.17 5.25 5.82
C PRO A 30 14.69 4.23 6.79
N LEU A 31 14.03 4.12 7.93
CA LEU A 31 14.46 3.20 8.95
C LEU A 31 13.85 1.83 8.68
N GLY A 32 14.67 0.79 8.81
CA GLY A 32 14.21 -0.59 8.64
C GLY A 32 14.25 -1.34 9.97
N CYS A 33 13.87 -2.61 9.96
CA CYS A 33 13.64 -3.36 11.18
C CYS A 33 14.30 -4.73 11.08
N SER A 34 14.58 -5.32 12.25
CA SER A 34 15.18 -6.63 12.37
C SER A 34 14.36 -7.57 13.24
N PRO A 35 13.23 -8.07 12.70
CA PRO A 35 12.40 -9.00 13.46
C PRO A 35 13.17 -10.27 13.72
N ASN A 36 12.78 -10.95 14.78
CA ASN A 36 13.54 -12.08 15.31
C ASN A 36 13.09 -13.34 14.62
N VAL A 37 12.61 -13.22 13.39
CA VAL A 37 11.77 -14.27 12.87
C VAL A 37 12.54 -15.30 12.02
N THR A 38 12.58 -16.50 12.59
CA THR A 38 13.06 -17.72 11.97
C THR A 38 12.43 -17.97 10.60
N THR A 39 11.09 -17.98 10.58
CA THR A 39 10.33 -18.36 9.40
C THR A 39 9.30 -17.28 9.05
N PRO A 40 9.75 -16.21 8.36
CA PRO A 40 8.87 -15.08 8.08
C PRO A 40 7.62 -15.45 7.27
N LYS A 41 6.51 -14.79 7.57
CA LYS A 41 5.25 -15.01 6.86
C LYS A 41 5.28 -14.23 5.57
N ASN A 42 5.03 -14.94 4.46
CA ASN A 42 5.12 -14.32 3.15
C ASN A 42 3.94 -13.42 2.88
N GLY A 43 4.24 -12.30 2.21
CA GLY A 43 3.21 -11.42 1.65
C GLY A 43 2.78 -10.35 2.63
N LEU A 44 1.96 -9.42 2.16
CA LEU A 44 1.42 -8.34 2.97
C LEU A 44 0.05 -8.73 3.52
N SER A 45 -0.43 -8.01 4.53
CA SER A 45 -1.82 -8.10 4.97
C SER A 45 -2.64 -7.10 4.17
N MET A 46 -3.91 -7.43 3.97
CA MET A 46 -4.84 -6.56 3.27
C MET A 46 -6.16 -6.44 4.02
N GLU A 47 -6.75 -5.23 3.94
CA GLU A 47 -8.13 -5.00 4.37
C GLU A 47 -8.91 -4.33 3.26
N LEU A 48 -10.09 -4.87 2.97
CA LEU A 48 -10.97 -4.36 1.96
C LEU A 48 -12.21 -3.76 2.64
N TYR A 49 -12.62 -2.58 2.17
CA TYR A 49 -13.80 -1.85 2.65
C TYR A 49 -14.69 -1.39 1.50
N SER A 50 -15.98 -1.24 1.81
CA SER A 50 -16.91 -0.73 0.80
C SER A 50 -16.61 0.74 0.46
N TYR A 51 -17.05 1.14 -0.73
CA TYR A 51 -17.02 2.52 -1.12
C TYR A 51 -18.28 2.83 -1.94
N ASP A 52 -19.45 2.80 -1.30
CA ASP A 52 -20.73 2.96 -1.98
C ASP A 52 -20.79 4.23 -2.80
N TYR A 53 -21.48 4.14 -3.92
CA TYR A 53 -21.91 5.34 -4.65
C TYR A 53 -22.93 6.17 -3.86
N LEU A 54 -23.04 7.45 -4.23
CA LEU A 54 -24.15 8.27 -3.77
C LEU A 54 -25.45 7.78 -4.45
N LYS A 55 -26.58 8.37 -4.08
CA LYS A 55 -27.88 7.93 -4.61
C LYS A 55 -27.88 7.84 -6.12
N SER A 56 -28.47 6.76 -6.64
CA SER A 56 -28.49 6.53 -8.09
C SER A 56 -29.04 7.76 -8.82
N GLY A 57 -28.35 8.19 -9.86
CA GLY A 57 -28.72 9.38 -10.61
C GLY A 57 -28.04 10.66 -10.16
N SER A 58 -27.24 10.61 -9.10
CA SER A 58 -26.55 11.80 -8.59
C SER A 58 -25.47 12.24 -9.54
N ASN A 59 -25.22 13.52 -9.54
CA ASN A 59 -24.15 14.07 -10.33
C ASN A 59 -23.57 15.19 -9.48
N PRO A 60 -22.34 15.00 -8.94
CA PRO A 60 -21.42 13.88 -9.16
C PRO A 60 -21.99 12.55 -8.59
N CYS A 61 -21.67 11.43 -9.21
CA CYS A 61 -22.31 10.16 -8.79
C CYS A 61 -21.58 9.45 -7.65
N TRP A 62 -20.29 9.74 -7.55
CA TRP A 62 -19.40 9.11 -6.60
C TRP A 62 -19.31 9.85 -5.27
N ASP A 63 -19.02 9.10 -4.22
CA ASP A 63 -18.74 9.65 -2.89
C ASP A 63 -17.39 10.33 -2.95
N ALA A 64 -17.34 11.59 -2.51
CA ALA A 64 -16.09 12.36 -2.51
C ALA A 64 -15.23 12.18 -1.29
N ALA A 65 -15.65 11.31 -0.36
CA ALA A 65 -14.95 11.12 0.90
C ALA A 65 -13.47 10.76 0.72
N TYR A 66 -13.16 10.02 -0.35
CA TYR A 66 -11.80 9.53 -0.58
C TYR A 66 -10.76 10.63 -0.67
N LEU A 67 -11.18 11.85 -0.99
CA LEU A 67 -10.26 12.99 -1.04
C LEU A 67 -10.06 13.69 0.33
N ASP A 68 -10.85 13.33 1.33
CA ASP A 68 -10.69 13.93 2.64
C ASP A 68 -9.36 13.50 3.23
N PRO A 69 -8.60 14.45 3.76
CA PRO A 69 -7.29 14.09 4.30
C PRO A 69 -7.29 12.96 5.31
N ASN A 70 -8.38 12.84 6.06
CA ASN A 70 -8.49 11.79 7.05
C ASN A 70 -9.22 10.54 6.63
N TYR A 71 -9.71 10.49 5.40
CA TYR A 71 -10.32 9.26 4.91
C TYR A 71 -9.33 8.06 5.00
N PRO A 72 -8.08 8.25 4.57
CA PRO A 72 -7.11 7.15 4.67
C PRO A 72 -6.61 6.81 6.08
N ARG A 73 -6.92 7.66 7.05
CA ARG A 73 -6.44 7.47 8.42
C ARG A 73 -7.52 6.77 9.26
N THR A 74 -8.69 7.36 9.35
CA THR A 74 -9.82 6.76 10.08
C THR A 74 -11.17 6.72 9.33
N GLY A 75 -11.35 7.54 8.29
CA GLY A 75 -12.63 7.59 7.60
C GLY A 75 -13.08 6.26 7.01
N TYR A 76 -12.17 5.52 6.40
CA TYR A 76 -12.53 4.25 5.77
C TYR A 76 -13.17 3.27 6.77
N LYS A 77 -12.87 3.45 8.04
CA LYS A 77 -13.45 2.64 9.11
C LYS A 77 -14.96 2.85 9.32
N SER A 78 -15.50 3.96 8.83
CA SER A 78 -16.95 4.19 8.86
C SER A 78 -17.67 3.42 7.74
N HIS A 79 -16.91 2.88 6.80
CA HIS A 79 -17.45 2.03 5.76
C HIS A 79 -17.52 0.57 6.21
N ARG A 80 -18.09 -0.29 5.37
CA ARG A 80 -18.22 -1.70 5.69
C ARG A 80 -16.92 -2.46 5.47
N LEU A 81 -16.50 -3.21 6.48
CA LEU A 81 -15.38 -4.09 6.32
C LEU A 81 -15.81 -5.23 5.43
N LEU A 82 -15.13 -5.41 4.30
CA LEU A 82 -15.37 -6.55 3.41
C LEU A 82 -14.56 -7.78 3.80
N ALA A 83 -13.29 -7.59 4.16
CA ALA A 83 -12.43 -8.72 4.45
C ALA A 83 -11.10 -8.30 5.00
N LYS A 84 -10.52 -9.22 5.76
CA LYS A 84 -9.11 -9.17 6.14
C LYS A 84 -8.45 -10.37 5.48
N VAL A 85 -7.35 -10.10 4.78
CA VAL A 85 -6.66 -11.09 3.96
C VAL A 85 -5.17 -11.06 4.32
N GLU A 86 -4.54 -12.23 4.35
CA GLU A 86 -3.10 -12.35 4.59
C GLU A 86 -2.42 -12.88 3.35
N ASN A 87 -1.10 -12.83 3.33
CA ASN A 87 -0.32 -13.46 2.28
C ASN A 87 -0.57 -12.86 0.88
N VAL A 88 -0.68 -11.54 0.84
CA VAL A 88 -0.77 -10.84 -0.42
C VAL A 88 0.66 -10.73 -0.95
N ALA A 89 0.92 -11.41 -2.06
CA ALA A 89 2.28 -11.55 -2.56
C ALA A 89 2.24 -11.85 -4.04
N GLY A 90 3.11 -11.16 -4.80
CA GLY A 90 3.19 -11.32 -6.24
C GLY A 90 3.09 -10.00 -6.99
N ASN A 91 2.59 -10.07 -8.22
CA ASN A 91 2.34 -8.86 -9.02
C ASN A 91 0.97 -8.35 -8.65
N ILE A 92 0.93 -7.20 -7.99
CA ILE A 92 -0.34 -6.65 -7.51
C ILE A 92 -0.92 -5.59 -8.47
N ASN A 93 -0.35 -5.46 -9.65
CA ASN A 93 -0.79 -4.39 -10.52
C ASN A 93 -2.01 -4.84 -11.30
N PHE A 94 -2.94 -3.91 -11.52
CA PHE A 94 -4.10 -4.19 -12.36
C PHE A 94 -4.65 -2.94 -13.04
N TYR A 95 -5.29 -3.15 -14.20
CA TYR A 95 -6.18 -2.15 -14.78
C TYR A 95 -7.53 -2.82 -14.98
N TYR A 96 -8.50 -2.37 -14.17
CA TYR A 96 -9.88 -2.81 -14.30
C TYR A 96 -10.66 -1.80 -15.17
N HIS A 97 -11.16 -2.29 -16.31
CA HIS A 97 -11.90 -1.49 -17.28
C HIS A 97 -13.38 -1.62 -16.98
N ALA A 98 -14.01 -0.59 -16.45
CA ALA A 98 -15.45 -0.65 -16.15
C ALA A 98 -16.30 -0.55 -17.44
N PRO A 99 -17.26 -1.49 -17.62
CA PRO A 99 -18.22 -1.45 -18.75
C PRO A 99 -19.09 -0.19 -18.75
N MET A 100 -19.49 0.25 -17.56
CA MET A 100 -20.29 1.46 -17.41
C MET A 100 -19.78 2.30 -16.25
N GLY A 101 -19.87 3.62 -16.40
CA GLY A 101 -19.59 4.55 -15.34
C GLY A 101 -20.76 4.77 -14.41
N CYS A 102 -20.48 5.29 -13.21
CA CYS A 102 -21.52 5.59 -12.23
C CYS A 102 -22.37 4.36 -11.94
N THR A 103 -21.72 3.21 -12.01
CA THR A 103 -22.39 1.93 -11.90
C THR A 103 -21.54 0.93 -11.15
N SER A 104 -22.10 0.34 -10.10
CA SER A 104 -21.38 -0.67 -9.32
C SER A 104 -21.37 -1.99 -10.07
N LEU A 105 -20.19 -2.53 -10.35
CA LEU A 105 -20.06 -3.80 -11.08
C LEU A 105 -19.12 -4.73 -10.36
N PHE A 106 -19.48 -6.02 -10.31
CA PHE A 106 -18.72 -7.02 -9.57
C PHE A 106 -17.74 -7.72 -10.48
N ASP A 107 -16.50 -7.79 -10.03
CA ASP A 107 -15.46 -8.53 -10.73
C ASP A 107 -14.43 -8.96 -9.71
N THR A 108 -13.30 -9.48 -10.17
CA THR A 108 -12.33 -10.04 -9.25
C THR A 108 -10.97 -9.36 -9.32
N LEU A 109 -10.28 -9.41 -8.20
CA LEU A 109 -8.90 -8.95 -8.10
C LEU A 109 -7.93 -9.99 -8.70
N PRO A 110 -6.73 -9.52 -9.12
CA PRO A 110 -5.68 -10.46 -9.54
C PRO A 110 -5.31 -11.49 -8.46
N GLN A 111 -4.76 -12.61 -8.91
CA GLN A 111 -4.35 -13.72 -8.04
C GLN A 111 -3.49 -13.32 -6.82
N ALA A 112 -2.56 -12.39 -7.02
CA ALA A 112 -1.66 -11.96 -5.93
C ALA A 112 -2.39 -11.58 -4.66
N TYR A 113 -3.58 -11.02 -4.82
CA TYR A 113 -4.36 -10.56 -3.67
C TYR A 113 -4.98 -11.65 -2.79
N ASN A 114 -4.90 -12.90 -3.22
CA ASN A 114 -5.38 -14.00 -2.39
C ASN A 114 -6.85 -13.82 -1.97
N TYR A 115 -7.67 -13.36 -2.90
CA TYR A 115 -9.07 -13.00 -2.61
C TYR A 115 -9.88 -13.34 -3.86
N ARG A 116 -10.56 -14.47 -3.83
CA ARG A 116 -11.14 -15.05 -5.05
C ARG A 116 -12.57 -14.60 -5.34
N THR A 117 -13.30 -14.13 -4.34
CA THR A 117 -14.72 -13.83 -4.53
C THR A 117 -14.88 -12.48 -5.18
N PRO A 118 -15.94 -12.31 -6.00
CA PRO A 118 -16.23 -11.05 -6.69
C PRO A 118 -16.49 -9.92 -5.70
N LEU A 119 -16.01 -8.73 -6.06
CA LEU A 119 -16.27 -7.52 -5.27
C LEU A 119 -16.55 -6.38 -6.23
N THR A 120 -16.94 -5.23 -5.68
CA THR A 120 -17.28 -4.08 -6.52
C THR A 120 -15.98 -3.39 -6.96
N MET A 121 -15.38 -3.91 -8.03
CA MET A 121 -14.12 -3.37 -8.57
C MET A 121 -14.23 -1.91 -9.01
N THR A 122 -15.45 -1.48 -9.37
CA THR A 122 -15.75 -0.11 -9.78
C THR A 122 -15.64 0.88 -8.61
N ASN A 123 -15.76 0.37 -7.40
CA ASN A 123 -15.88 1.26 -6.24
C ASN A 123 -15.56 0.51 -4.93
N PHE A 124 -14.33 0.68 -4.45
CA PHE A 124 -13.91 0.04 -3.21
C PHE A 124 -12.64 0.73 -2.65
N THR A 125 -12.39 0.46 -1.38
CA THR A 125 -11.23 0.94 -0.64
C THR A 125 -10.36 -0.25 -0.26
N MET A 126 -9.04 -0.09 -0.35
CA MET A 126 -8.14 -1.20 -0.03
C MET A 126 -6.90 -0.68 0.70
N LEU A 127 -6.59 -1.32 1.82
CA LEU A 127 -5.40 -1.05 2.61
C LEU A 127 -4.49 -2.26 2.60
N LEU A 128 -3.21 -2.06 2.30
CA LEU A 128 -2.18 -3.08 2.45
C LEU A 128 -1.09 -2.61 3.42
N TYR A 129 -0.54 -3.56 4.19
CA TYR A 129 0.58 -3.25 5.07
C TYR A 129 1.43 -4.47 5.35
N GLY A 130 2.69 -4.20 5.64
CA GLY A 130 3.62 -5.23 6.02
C GLY A 130 5.02 -4.68 5.91
N TYR A 131 5.93 -5.54 5.46
CA TYR A 131 7.31 -5.16 5.40
C TYR A 131 7.89 -5.48 4.04
N PHE A 132 8.82 -4.62 3.60
CA PHE A 132 9.54 -4.76 2.35
C PHE A 132 10.98 -5.13 2.66
N LYS A 133 11.44 -6.21 2.04
CA LYS A 133 12.78 -6.78 2.20
C LYS A 133 13.48 -6.61 0.85
N PRO A 134 14.53 -5.79 0.79
CA PRO A 134 15.31 -5.68 -0.45
C PRO A 134 16.10 -6.94 -0.76
N LYS A 135 16.43 -7.11 -2.04
CA LYS A 135 17.35 -8.15 -2.49
C LYS A 135 18.78 -7.65 -2.53
N VAL A 136 18.97 -6.40 -2.92
CA VAL A 136 20.32 -5.84 -3.07
C VAL A 136 20.38 -4.48 -2.41
N THR A 137 21.38 -4.31 -1.57
CA THR A 137 21.57 -3.07 -0.83
C THR A 137 21.88 -1.95 -1.81
N GLY A 138 21.14 -0.86 -1.72
CA GLY A 138 21.37 0.31 -2.57
C GLY A 138 20.11 1.14 -2.81
N TYR A 139 20.14 1.97 -3.85
CA TYR A 139 19.02 2.84 -4.13
C TYR A 139 17.87 2.07 -4.77
N HIS A 140 16.66 2.35 -4.28
CA HIS A 140 15.43 1.75 -4.79
C HIS A 140 14.54 2.88 -5.24
N THR A 141 14.07 2.83 -6.49
CA THR A 141 13.03 3.78 -6.93
C THR A 141 11.70 3.06 -7.12
N PHE A 142 10.73 3.38 -6.27
CA PHE A 142 9.37 2.88 -6.47
C PHE A 142 8.50 3.89 -7.23
N THR A 143 7.86 3.43 -8.29
CA THR A 143 6.99 4.28 -9.09
C THR A 143 5.55 3.80 -8.97
N ILE A 144 4.63 4.73 -8.78
CA ILE A 144 3.22 4.40 -8.64
C ILE A 144 2.34 5.22 -9.58
N SER A 145 1.23 4.60 -9.99
CA SER A 145 0.16 5.29 -10.65
C SER A 145 -1.12 4.64 -10.18
N ALA A 146 -2.22 5.38 -10.20
CA ALA A 146 -3.50 4.80 -9.78
C ALA A 146 -4.72 5.51 -10.30
N ASP A 147 -5.82 4.77 -10.32
CA ASP A 147 -7.15 5.30 -10.56
C ASP A 147 -8.00 4.61 -9.48
N ASP A 148 -8.45 5.33 -8.46
CA ASP A 148 -8.31 6.79 -8.30
C ASP A 148 -7.17 7.30 -7.41
N LEU A 149 -6.78 6.53 -6.40
CA LEU A 149 -5.93 7.04 -5.33
C LEU A 149 -4.99 5.95 -4.82
N LEU A 150 -3.71 6.28 -4.69
CA LEU A 150 -2.73 5.43 -4.04
C LEU A 150 -1.79 6.29 -3.20
N PHE A 151 -1.82 6.06 -1.89
CA PHE A 151 -0.96 6.77 -0.96
C PHE A 151 -0.04 5.75 -0.30
N VAL A 152 1.27 6.00 -0.39
CA VAL A 152 2.26 5.06 0.10
C VAL A 152 3.15 5.68 1.19
N ASN A 153 3.25 4.96 2.31
CA ASN A 153 4.21 5.27 3.37
C ASN A 153 5.27 4.19 3.36
N PHE A 154 6.48 4.52 3.79
CA PHE A 154 7.62 3.60 3.72
C PHE A 154 8.67 3.97 4.77
N GLY A 155 9.08 3.00 5.58
CA GLY A 155 10.05 3.19 6.68
C GLY A 155 9.40 3.17 8.03
N ALA A 156 10.14 2.69 9.03
CA ALA A 156 9.71 2.75 10.43
C ALA A 156 9.44 4.18 10.86
N GLY A 157 8.33 4.37 11.55
CA GLY A 157 7.83 5.72 11.87
C GLY A 157 6.85 6.18 10.80
N ASN A 158 7.38 6.37 9.60
CA ASN A 158 6.58 6.89 8.52
C ASN A 158 5.37 6.03 8.19
N ALA A 159 5.57 4.72 8.08
CA ALA A 159 4.49 3.75 7.91
C ALA A 159 4.00 3.33 9.27
N PHE A 160 4.83 2.63 10.02
CA PHE A 160 4.49 2.23 11.37
C PHE A 160 5.78 1.79 12.08
N ASP A 161 5.70 1.47 13.35
CA ASP A 161 6.91 1.22 14.15
C ASP A 161 7.28 -0.26 14.11
N CYS A 162 8.58 -0.52 14.22
CA CYS A 162 9.14 -1.87 14.08
C CYS A 162 8.53 -2.87 15.05
N CYS A 163 7.84 -3.86 14.52
CA CYS A 163 7.14 -4.89 15.32
C CYS A 163 6.19 -4.27 16.36
N LYS A 164 5.64 -3.10 16.03
CA LYS A 164 4.67 -2.41 16.86
C LYS A 164 3.64 -1.76 15.96
N ARG A 165 3.22 -2.52 14.95
CA ARG A 165 2.31 -2.00 13.95
C ARG A 165 0.95 -1.64 14.56
N GLU A 166 0.40 -2.58 15.33
CA GLU A 166 -0.95 -2.42 15.86
C GLU A 166 -1.07 -1.12 16.62
N SER A 167 -0.12 -0.86 17.52
CA SER A 167 -0.16 0.33 18.34
C SER A 167 0.16 1.63 17.60
N SER A 168 0.76 1.57 16.40
CA SER A 168 1.16 2.76 15.66
C SER A 168 0.44 2.87 14.29
N ALA A 169 -0.57 2.03 14.06
CA ALA A 169 -1.15 1.82 12.72
C ALA A 169 -1.77 3.07 12.14
N ASP A 170 -2.34 3.90 13.00
CA ASP A 170 -3.04 5.10 12.52
C ASP A 170 -2.19 6.37 12.53
N ASP A 171 -0.90 6.23 12.86
CA ASP A 171 -0.02 7.36 13.13
C ASP A 171 1.00 7.60 12.02
N PHE A 172 0.70 7.06 10.85
CA PHE A 172 1.57 7.23 9.69
C PHE A 172 1.75 8.71 9.38
N GLY A 173 2.90 9.01 8.77
CA GLY A 173 3.31 10.39 8.52
C GLY A 173 3.03 10.78 7.08
N ASN A 174 3.66 11.87 6.64
CA ASN A 174 3.53 12.34 5.27
C ASN A 174 3.90 11.25 4.27
N TYR A 175 3.13 11.16 3.18
CA TYR A 175 3.33 10.08 2.27
C TYR A 175 4.64 10.21 1.54
N GLN A 176 5.32 9.10 1.37
CA GLN A 176 6.54 9.04 0.55
C GLN A 176 6.23 9.16 -0.94
N ALA A 177 5.05 8.68 -1.35
CA ALA A 177 4.54 8.88 -2.71
C ALA A 177 3.04 8.89 -2.68
N TYR A 178 2.46 9.63 -3.62
CA TYR A 178 1.01 9.70 -3.77
C TYR A 178 0.59 9.96 -5.20
N ALA A 179 -0.50 9.34 -5.58
CA ALA A 179 -1.04 9.47 -6.92
C ALA A 179 -2.55 9.57 -6.83
N VAL A 180 -3.12 10.62 -7.42
CA VAL A 180 -4.57 10.80 -7.43
C VAL A 180 -5.00 11.12 -8.86
N TRP A 181 -5.82 10.26 -9.42
CA TRP A 181 -6.35 10.44 -10.76
C TRP A 181 -7.06 11.78 -10.87
N GLY A 182 -6.78 12.52 -11.95
CA GLY A 182 -7.44 13.81 -12.17
C GLY A 182 -6.77 14.99 -11.47
N SER A 183 -5.76 14.74 -10.65
CA SER A 183 -5.09 15.79 -9.88
C SER A 183 -3.82 16.20 -10.60
N GLN A 184 -3.04 17.11 -10.00
CA GLN A 184 -1.75 17.49 -10.56
C GLN A 184 -0.65 16.46 -10.35
N THR A 185 -0.92 15.44 -9.52
CA THR A 185 0.02 14.36 -9.27
C THR A 185 -0.71 13.04 -9.39
N ALA A 186 -0.76 12.52 -10.61
CA ALA A 186 -1.49 11.28 -10.90
C ALA A 186 -0.55 10.10 -11.04
N LYS A 187 0.74 10.38 -10.87
CA LYS A 187 1.83 9.42 -10.95
C LYS A 187 2.96 9.99 -10.08
N ASP A 188 3.68 9.13 -9.36
CA ASP A 188 4.72 9.62 -8.44
C ASP A 188 5.76 8.54 -8.26
N ASP A 189 6.84 8.91 -7.63
CA ASP A 189 7.82 7.92 -7.28
C ASP A 189 8.53 8.31 -6.00
N LEU A 190 9.24 7.35 -5.44
CA LEU A 190 10.04 7.59 -4.24
C LEU A 190 11.36 6.88 -4.39
N THR A 191 12.43 7.58 -4.04
CA THR A 191 13.78 7.02 -4.13
C THR A 191 14.39 6.93 -2.73
N VAL A 192 14.68 5.70 -2.32
CA VAL A 192 15.24 5.43 -1.00
C VAL A 192 16.45 4.50 -1.09
N HIS A 193 17.39 4.72 -0.19
CA HIS A 193 18.54 3.84 -0.06
C HIS A 193 18.20 2.82 1.01
N LEU A 194 18.32 1.54 0.67
CA LEU A 194 17.89 0.44 1.54
C LEU A 194 19.02 -0.59 1.71
N ASP A 195 19.02 -1.26 2.85
CA ASP A 195 19.89 -2.40 3.13
C ASP A 195 19.17 -3.74 3.02
N ALA A 196 19.75 -4.68 2.26
CA ALA A 196 19.08 -5.96 2.00
C ALA A 196 18.84 -6.83 3.23
N GLY A 197 19.47 -6.48 4.34
CA GLY A 197 19.35 -7.25 5.60
C GLY A 197 18.15 -6.83 6.43
N LEU A 198 17.54 -5.69 6.08
CA LEU A 198 16.47 -5.13 6.88
C LEU A 198 15.11 -5.24 6.22
N TYR A 199 14.08 -5.14 7.06
CA TYR A 199 12.70 -5.23 6.67
C TYR A 199 12.03 -3.88 6.96
N TYR A 200 11.50 -3.24 5.91
CA TYR A 200 10.98 -1.88 5.99
C TYR A 200 9.47 -1.84 6.01
N PRO A 201 8.87 -1.32 7.10
CA PRO A 201 7.44 -1.04 7.16
C PRO A 201 6.94 -0.30 5.93
N ILE A 202 5.86 -0.84 5.37
CA ILE A 202 5.22 -0.24 4.20
C ILE A 202 3.71 -0.26 4.41
N ARG A 203 3.08 0.85 4.01
CA ARG A 203 1.63 1.01 4.00
C ARG A 203 1.19 1.52 2.63
N ILE A 204 0.22 0.85 2.02
CA ILE A 204 -0.30 1.23 0.71
C ILE A 204 -1.83 1.37 0.83
N PHE A 205 -2.33 2.55 0.54
CA PHE A 205 -3.78 2.84 0.62
C PHE A 205 -4.34 3.17 -0.75
N PHE A 206 -5.37 2.43 -1.14
CA PHE A 206 -5.97 2.51 -2.44
C PHE A 206 -7.46 2.82 -2.40
N ASN A 207 -7.92 3.59 -3.38
CA ASN A 207 -9.35 3.80 -3.56
C ASN A 207 -9.74 3.89 -5.01
N ASN A 208 -10.80 3.16 -5.37
CA ASN A 208 -11.52 3.42 -6.61
C ASN A 208 -12.88 4.03 -6.25
N ARG A 209 -13.13 5.24 -6.73
CA ARG A 209 -14.36 5.94 -6.44
C ARG A 209 -15.49 5.55 -7.38
N ASP A 210 -15.15 5.03 -8.57
CA ASP A 210 -16.10 4.97 -9.69
C ASP A 210 -15.37 4.45 -10.94
N ASN A 211 -16.07 3.70 -11.79
CA ASN A 211 -15.59 3.41 -13.15
C ASN A 211 -14.27 2.63 -13.11
N ASP A 212 -13.32 2.97 -13.98
CA ASP A 212 -12.07 2.21 -14.03
C ASP A 212 -11.33 2.28 -12.68
N GLY A 213 -10.63 1.20 -12.36
CA GLY A 213 -9.73 1.10 -11.24
C GLY A 213 -8.38 0.65 -11.72
N ALA A 214 -7.32 1.23 -11.18
CA ALA A 214 -5.98 0.87 -11.60
C ALA A 214 -4.96 1.06 -10.48
N LEU A 215 -4.04 0.12 -10.36
CA LEU A 215 -2.95 0.22 -9.44
C LEU A 215 -1.65 -0.27 -10.10
N SER A 216 -0.63 0.57 -10.17
CA SER A 216 0.69 0.14 -10.65
C SER A 216 1.74 0.51 -9.65
N LEU A 217 2.48 -0.49 -9.19
CA LEU A 217 3.70 -0.32 -8.39
C LEU A 217 4.83 -1.04 -9.11
N THR A 218 5.91 -0.34 -9.36
CA THR A 218 7.10 -0.95 -9.96
C THR A 218 8.31 -0.50 -9.14
N LEU A 219 9.38 -1.28 -9.21
CA LEU A 219 10.63 -1.01 -8.54
C LEU A 219 11.78 -1.02 -9.52
N LYS A 220 12.61 0.01 -9.45
CA LYS A 220 13.85 0.04 -10.21
C LYS A 220 15.08 0.16 -9.28
N THR A 221 16.07 -0.70 -9.49
CA THR A 221 17.41 -0.59 -8.90
C THR A 221 18.43 -0.73 -10.02
N GLU A 222 19.70 -0.42 -9.73
CA GLU A 222 20.77 -0.56 -10.73
C GLU A 222 21.17 -2.01 -11.06
N SER A 223 20.70 -2.97 -10.27
CA SER A 223 21.09 -4.38 -10.46
C SER A 223 20.30 -5.06 -11.57
N ASP A 224 19.22 -4.43 -12.01
CA ASP A 224 18.41 -4.94 -13.10
C ASP A 224 18.04 -3.77 -14.01
N PRO A 225 18.34 -3.86 -15.31
CA PRO A 225 17.93 -2.77 -16.21
C PRO A 225 16.41 -2.63 -16.39
N ASN A 226 15.66 -3.68 -16.07
CA ASN A 226 14.21 -3.64 -16.18
C ASN A 226 13.52 -3.53 -14.82
N PRO A 227 12.33 -2.91 -14.80
CA PRO A 227 11.60 -2.80 -13.55
C PRO A 227 11.18 -4.16 -12.94
N VAL A 228 11.11 -4.21 -11.61
CA VAL A 228 10.53 -5.33 -10.89
C VAL A 228 9.04 -5.04 -10.70
N ILE A 229 8.21 -6.00 -11.08
CA ILE A 229 6.75 -5.88 -10.94
C ILE A 229 6.14 -7.01 -10.12
N ASP A 230 6.91 -8.10 -9.91
CA ASP A 230 6.45 -9.22 -9.11
C ASP A 230 7.19 -9.16 -7.78
N PHE A 231 6.46 -8.81 -6.74
CA PHE A 231 7.03 -8.63 -5.42
C PHE A 231 6.96 -9.86 -4.50
N SER A 232 6.79 -11.05 -5.10
CA SER A 232 6.70 -12.31 -4.36
C SER A 232 7.77 -12.45 -3.27
N ASP A 233 9.01 -12.19 -3.65
CA ASP A 233 10.15 -12.40 -2.76
C ASP A 233 10.44 -11.20 -1.85
N TYR A 234 9.66 -10.13 -1.99
CA TYR A 234 9.93 -8.88 -1.30
C TYR A 234 8.98 -8.51 -0.16
N PHE A 235 7.80 -9.09 -0.14
CA PHE A 235 6.74 -8.70 0.81
C PHE A 235 6.66 -9.70 1.94
N TYR A 236 6.70 -9.20 3.18
CA TYR A 236 6.64 -10.02 4.39
C TYR A 236 5.68 -9.44 5.42
N SER A 237 5.21 -10.32 6.31
CA SER A 237 4.44 -9.93 7.48
C SER A 237 5.15 -10.44 8.73
N PHE A 238 5.14 -9.64 9.81
CA PHE A 238 5.68 -10.07 11.11
C PHE A 238 4.74 -9.71 12.25
N ASP A 239 4.62 -10.61 13.21
CA ASP A 239 3.90 -10.37 14.47
C ASP A 239 4.56 -9.23 15.24
N ASP A 240 3.76 -8.45 15.95
CA ASP A 240 4.28 -7.40 16.81
C ASP A 240 4.86 -8.06 18.04
N THR A 241 5.77 -7.36 18.70
CA THR A 241 6.34 -7.82 19.98
C THR A 241 6.28 -6.70 21.01
N LYS A 242 6.43 -7.07 22.28
CA LYS A 242 6.38 -6.11 23.39
C LYS A 242 7.44 -5.02 23.27
N ASP A 243 8.68 -5.42 22.95
CA ASP A 243 9.80 -4.51 22.89
C ASP A 243 10.07 -3.94 21.50
N GLY A 244 9.40 -4.44 20.47
CA GLY A 244 9.67 -4.00 19.10
C GLY A 244 10.92 -4.67 18.52
N CYS A 245 11.18 -4.42 17.24
CA CYS A 245 12.33 -5.04 16.55
C CYS A 245 13.13 -4.01 15.73
N PRO A 246 13.85 -3.14 16.44
CA PRO A 246 14.62 -2.14 15.72
C PRO A 246 15.70 -2.75 14.84
N GLY A 247 16.05 -2.02 13.80
CA GLY A 247 17.03 -2.48 12.80
C GLY A 247 18.37 -2.70 13.44
N LEU A 248 19.04 -3.81 13.12
CA LEU A 248 20.34 -4.14 13.71
C LEU A 248 21.52 -4.01 12.74
N VAL A 249 21.24 -3.34 11.63
CA VAL A 249 22.27 -2.87 10.70
C VAL A 249 22.12 -1.38 10.64
N SER A 250 23.22 -0.67 10.78
CA SER A 250 23.18 0.80 10.81
C SER A 250 24.50 1.34 10.28
N TYR A 251 24.44 2.46 9.56
CA TYR A 251 25.63 3.08 8.97
C TYR A 251 25.81 4.54 9.35
N ASP A 252 24.87 5.14 10.07
CA ASP A 252 25.07 6.53 10.52
C ASP A 252 26.19 6.61 11.56
N THR A 253 26.61 7.84 11.82
CA THR A 253 27.82 8.12 12.59
C THR A 253 27.42 8.75 13.92
#